data_4N4A
#
_entry.id   4N4A
#
_cell.length_a   139.359
_cell.length_b   139.359
_cell.length_c   146.260
_cell.angle_alpha   90.00
_cell.angle_beta   90.00
_cell.angle_gamma   90.00
#
_symmetry.space_group_name_H-M   'I 4 2 2'
#
loop_
_entity.id
_entity.type
_entity.pdbx_description
1 polymer "Cap-specific mRNA (nucleoside-2'-O-)-methyltransferase 1"
2 water water
#
_entity_poly.entity_id   1
_entity_poly.type   'polypeptide(L)'
_entity_poly.pdbx_seq_one_letter_code
;GAMRGLGLTLRGFDQELNVDWRDEPEPSACEQVSWFPECTTEIPDTQEMSDWMVVGKRKMIIEDETEFCGEELLHSVLQC
KSVFDVLDGEEMRRARTRANPYEMIRGVFFLNRAAMKMANMDFVFDRMFTNPRDSYGKPLVKDREAELLYFADVCAGPGG
FSEYVLWRKKWHAKGFGMTLKGPNDFKLEDFYSASSELFEPYYGEGGIDGDGDITRPENISAFRNFVLDNTDRKGVHFLM
ADGGFSVEGQENLQEILSKQLLLCQFLMALSIVRTGGHFICKTFDLFTPFSVGLVYLLYCCFERVCLFKPITSRPANSER
YVVCKGLKVGIDDVRDYLFAVNIKLNQLRNTDSDVNLVVPLEVIKGDHEFTDYMIRSNESHCSLQIKALAKIHAFVQDTT
LSEPRQAEIRKECLRLWGIPDQARVAPS
;
_entity_poly.pdbx_strand_id   A
#
# COMPACT_ATOMS: atom_id res chain seq x y z
N ASN A 18 28.34 -7.45 10.29
CA ASN A 18 28.59 -8.51 9.33
C ASN A 18 27.80 -8.36 8.02
N VAL A 19 27.58 -7.11 7.62
CA VAL A 19 26.78 -6.80 6.43
C VAL A 19 27.58 -5.94 5.45
N ASP A 20 27.48 -6.25 4.16
CA ASP A 20 28.15 -5.45 3.14
C ASP A 20 27.16 -4.59 2.38
N TRP A 21 26.97 -3.35 2.83
CA TRP A 21 26.04 -2.44 2.17
C TRP A 21 26.65 -1.74 0.96
N ARG A 22 27.97 -1.84 0.80
CA ARG A 22 28.62 -1.20 -0.34
C ARG A 22 28.49 -2.05 -1.61
N ASP A 23 28.22 -3.35 -1.43
CA ASP A 23 27.86 -4.21 -2.55
C ASP A 23 26.38 -4.05 -2.82
N GLU A 24 26.03 -2.92 -3.43
CA GLU A 24 24.65 -2.64 -3.78
C GLU A 24 24.67 -1.96 -5.15
N PRO A 25 23.61 -2.16 -5.94
CA PRO A 25 23.53 -1.55 -7.28
C PRO A 25 23.40 -0.03 -7.20
N GLU A 26 24.02 0.65 -8.18
CA GLU A 26 23.91 2.09 -8.34
C GLU A 26 22.47 2.58 -8.19
N PRO A 27 22.26 3.60 -7.36
CA PRO A 27 20.93 4.20 -7.21
C PRO A 27 20.49 4.79 -8.55
N SER A 28 19.22 4.66 -8.87
CA SER A 28 18.74 5.04 -10.18
C SER A 28 17.33 5.56 -10.07
N ALA A 29 16.93 6.40 -11.02
CA ALA A 29 15.54 6.78 -11.17
C ALA A 29 14.74 5.63 -11.80
N CYS A 30 15.44 4.74 -12.48
CA CYS A 30 14.76 3.62 -13.13
CA CYS A 30 14.81 3.59 -13.14
C CYS A 30 14.39 2.55 -12.11
N GLU A 31 13.15 2.09 -12.16
CA GLU A 31 12.61 1.09 -11.24
C GLU A 31 11.99 -0.09 -11.97
N GLN A 32 12.15 -1.28 -11.42
CA GLN A 32 11.60 -2.48 -12.05
C GLN A 32 10.42 -2.98 -11.24
N VAL A 33 9.35 -3.31 -11.95
CA VAL A 33 8.16 -3.87 -11.33
C VAL A 33 8.17 -5.36 -11.54
N SER A 34 7.91 -6.12 -10.46
CA SER A 34 7.71 -7.56 -10.58
C SER A 34 6.26 -7.85 -10.24
N TRP A 35 5.53 -8.45 -11.17
CA TRP A 35 4.13 -8.78 -10.90
C TRP A 35 3.99 -10.24 -10.46
N PHE A 36 2.99 -10.52 -9.63
CA PHE A 36 2.57 -11.89 -9.40
C PHE A 36 2.24 -12.49 -10.77
N PRO A 37 2.41 -13.81 -10.91
CA PRO A 37 1.98 -14.43 -12.16
C PRO A 37 0.47 -14.31 -12.32
N GLU A 38 -0.02 -14.43 -13.53
CA GLU A 38 -1.46 -14.38 -13.73
C GLU A 38 -2.16 -15.49 -12.94
N CYS A 39 -3.22 -15.11 -12.26
CA CYS A 39 -4.04 -16.07 -11.58
C CYS A 39 -4.88 -16.78 -12.63
N THR A 40 -4.90 -18.10 -12.58
CA THR A 40 -5.70 -18.91 -13.51
C THR A 40 -6.79 -19.69 -12.77
N THR A 41 -6.88 -19.46 -11.47
CA THR A 41 -7.86 -20.15 -10.66
C THR A 41 -9.10 -19.29 -10.58
N GLU A 42 -10.22 -19.93 -10.28
CA GLU A 42 -11.52 -19.27 -10.33
C GLU A 42 -11.72 -18.47 -9.08
N ILE A 43 -12.44 -17.37 -9.18
CA ILE A 43 -12.79 -16.58 -8.00
C ILE A 43 -13.55 -17.46 -7.03
N PRO A 44 -13.09 -17.52 -5.76
CA PRO A 44 -13.76 -18.37 -4.77
C PRO A 44 -15.18 -17.90 -4.53
N ASP A 45 -16.08 -18.84 -4.27
CA ASP A 45 -17.45 -18.48 -3.93
C ASP A 45 -17.73 -18.79 -2.47
N THR A 46 -18.90 -18.37 -2.01
CA THR A 46 -19.27 -18.51 -0.61
C THR A 46 -19.06 -19.90 -0.02
N GLN A 47 -19.49 -20.92 -0.75
CA GLN A 47 -19.41 -22.28 -0.22
C GLN A 47 -17.95 -22.71 -0.08
N GLU A 48 -17.11 -22.28 -1.01
CA GLU A 48 -15.73 -22.66 -1.00
C GLU A 48 -14.98 -21.99 0.17
N MET A 49 -15.45 -20.81 0.55
CA MET A 49 -14.79 -20.06 1.61
C MET A 49 -15.37 -20.31 3.00
N SER A 50 -16.33 -21.24 3.09
CA SER A 50 -17.14 -21.36 4.30
C SER A 50 -16.39 -21.91 5.51
N ASP A 51 -15.24 -22.52 5.25
CA ASP A 51 -14.36 -22.98 6.34
CA ASP A 51 -14.35 -23.02 6.30
C ASP A 51 -13.00 -22.28 6.29
N TRP A 52 -12.92 -21.14 5.61
CA TRP A 52 -11.63 -20.47 5.44
C TRP A 52 -11.18 -19.58 6.59
N MET A 53 -12.13 -18.92 7.23
CA MET A 53 -11.83 -18.09 8.38
C MET A 53 -11.57 -18.95 9.61
N VAL A 54 -10.34 -18.93 10.11
CA VAL A 54 -10.09 -19.60 11.38
C VAL A 54 -9.67 -18.67 12.52
N VAL A 55 -10.36 -18.86 13.64
CA VAL A 55 -10.16 -18.13 14.86
C VAL A 55 -9.23 -18.94 15.75
N GLY A 56 -8.35 -18.24 16.45
CA GLY A 56 -7.35 -18.86 17.29
C GLY A 56 -6.91 -17.89 18.38
N LYS A 57 -5.86 -18.24 19.11
CA LYS A 57 -5.33 -17.34 20.14
C LYS A 57 -4.75 -16.11 19.49
N ARG A 58 -5.01 -14.95 20.09
CA ARG A 58 -4.37 -13.70 19.69
C ARG A 58 -2.87 -13.77 19.96
N LYS A 59 -2.10 -13.52 18.92
CA LYS A 59 -0.66 -13.74 18.95
C LYS A 59 0.07 -12.54 18.37
N MET A 60 1.16 -12.15 19.01
CA MET A 60 2.03 -11.11 18.48
C MET A 60 3.48 -11.54 18.54
N ILE A 61 3.83 -12.55 17.76
CA ILE A 61 5.19 -13.06 17.77
C ILE A 61 5.64 -13.04 16.35
N ILE A 62 6.38 -12.02 15.99
CA ILE A 62 6.78 -11.89 14.60
C ILE A 62 7.90 -12.88 14.23
N GLU A 63 8.75 -13.22 15.19
CA GLU A 63 9.98 -13.96 14.92
C GLU A 63 9.75 -15.37 14.35
N ASP A 64 8.56 -15.92 14.52
CA ASP A 64 8.30 -17.23 13.95
C ASP A 64 7.29 -17.24 12.79
N GLU A 65 7.10 -16.09 12.18
CA GLU A 65 6.25 -15.99 11.01
C GLU A 65 7.07 -16.25 9.75
N THR A 66 7.33 -17.51 9.47
CA THR A 66 8.30 -17.90 8.47
C THR A 66 7.67 -18.80 7.42
N GLU A 67 6.35 -18.84 7.36
CA GLU A 67 5.69 -19.54 6.26
C GLU A 67 6.02 -18.95 4.90
N PHE A 68 6.37 -17.65 4.86
CA PHE A 68 6.64 -16.99 3.58
C PHE A 68 7.91 -16.16 3.64
N CYS A 69 8.84 -16.61 4.47
CA CYS A 69 10.13 -15.94 4.61
C CYS A 69 11.08 -16.85 5.36
N GLY A 70 12.34 -16.87 4.94
CA GLY A 70 13.35 -17.68 5.61
C GLY A 70 13.55 -17.23 7.05
N GLU A 71 13.60 -18.21 7.95
CA GLU A 71 13.72 -17.97 9.38
C GLU A 71 14.99 -17.21 9.77
N GLU A 72 16.11 -17.66 9.24
CA GLU A 72 17.39 -17.01 9.50
C GLU A 72 17.39 -15.55 9.04
N LEU A 73 16.87 -15.31 7.83
CA LEU A 73 16.81 -13.97 7.28
C LEU A 73 15.87 -13.09 8.11
N LEU A 74 14.73 -13.64 8.51
CA LEU A 74 13.78 -12.89 9.32
C LEU A 74 14.44 -12.48 10.63
N HIS A 75 15.17 -13.41 11.26
CA HIS A 75 15.78 -13.07 12.54
C HIS A 75 16.87 -12.04 12.36
N SER A 76 17.60 -12.11 11.26
CA SER A 76 18.63 -11.11 10.98
C SER A 76 18.02 -9.74 10.87
N VAL A 77 16.98 -9.61 10.05
CA VAL A 77 16.38 -8.30 9.85
C VAL A 77 15.79 -7.78 11.17
N LEU A 78 15.14 -8.65 11.94
CA LEU A 78 14.63 -8.29 13.26
C LEU A 78 15.74 -7.80 14.18
N GLN A 79 16.88 -8.49 14.13
CA GLN A 79 18.05 -8.11 14.88
C GLN A 79 18.57 -6.72 14.49
N CYS A 80 18.69 -6.45 13.19
CA CYS A 80 19.19 -5.14 12.75
C CYS A 80 18.26 -4.03 13.16
N LYS A 81 16.97 -4.29 13.11
CA LYS A 81 16.00 -3.26 13.44
C LYS A 81 16.09 -2.91 14.92
N SER A 82 16.45 -3.89 15.75
CA SER A 82 16.39 -3.66 17.18
C SER A 82 17.62 -2.89 17.62
N VAL A 83 18.77 -3.26 17.07
CA VAL A 83 19.98 -2.49 17.25
C VAL A 83 19.80 -1.04 16.79
N PHE A 84 19.22 -0.87 15.60
CA PHE A 84 18.97 0.43 14.99
C PHE A 84 18.01 1.30 15.79
N ASP A 85 17.12 0.68 16.56
CA ASP A 85 16.14 1.45 17.33
C ASP A 85 16.67 1.97 18.66
N VAL A 86 17.74 1.37 19.17
CA VAL A 86 18.43 1.89 20.35
C VAL A 86 18.92 3.31 20.07
N LEU A 87 19.37 3.53 18.83
CA LEU A 87 19.94 4.81 18.39
C LEU A 87 19.06 6.00 18.69
N ASP A 88 19.70 7.10 19.05
CA ASP A 88 19.01 8.36 19.24
C ASP A 88 18.39 8.86 17.94
N GLY A 89 17.13 9.29 18.04
CA GLY A 89 16.32 9.72 16.90
C GLY A 89 16.87 10.83 16.02
N GLU A 90 17.23 11.96 16.60
CA GLU A 90 17.82 13.07 15.83
C GLU A 90 19.09 12.66 15.06
N GLU A 91 19.99 11.99 15.75
CA GLU A 91 21.23 11.51 15.14
C GLU A 91 20.96 10.55 14.00
N MET A 92 20.07 9.60 14.22
CA MET A 92 19.77 8.62 13.18
C MET A 92 19.06 9.28 11.99
N ARG A 93 18.16 10.21 12.27
CA ARG A 93 17.49 10.96 11.20
C ARG A 93 18.44 11.76 10.33
N ARG A 94 19.45 12.37 10.94
CA ARG A 94 20.45 13.07 10.14
C ARG A 94 21.19 12.09 9.26
N ALA A 95 21.60 10.96 9.82
CA ALA A 95 22.35 9.98 9.03
C ALA A 95 21.49 9.42 7.91
N ARG A 96 20.22 9.18 8.22
CA ARG A 96 19.37 8.55 7.22
C ARG A 96 19.13 9.52 6.06
N THR A 97 19.10 10.82 6.35
CA THR A 97 19.01 11.85 5.31
C THR A 97 20.24 11.86 4.40
N ARG A 98 21.43 11.68 4.99
CA ARG A 98 22.66 11.67 4.22
C ARG A 98 22.80 10.39 3.38
N ALA A 99 22.29 9.29 3.92
CA ALA A 99 22.46 7.96 3.33
C ALA A 99 21.47 7.64 2.21
N ASN A 100 20.30 8.25 2.23
CA ASN A 100 19.24 7.94 1.26
C ASN A 100 19.47 8.64 -0.09
N PRO A 101 19.78 7.87 -1.15
CA PRO A 101 20.08 8.48 -2.46
C PRO A 101 18.87 9.21 -3.03
N TYR A 102 17.69 8.87 -2.53
CA TYR A 102 16.46 9.43 -3.04
C TYR A 102 15.90 10.48 -2.11
N GLU A 103 16.65 10.84 -1.08
CA GLU A 103 16.20 11.82 -0.09
C GLU A 103 15.71 13.13 -0.71
N MET A 104 16.38 13.60 -1.74
CA MET A 104 16.00 14.91 -2.29
C MET A 104 14.72 14.97 -3.16
N ILE A 105 14.25 13.88 -3.76
CA ILE A 105 12.91 13.93 -4.39
C ILE A 105 11.81 14.10 -3.36
N ARG A 106 11.98 13.46 -2.21
CA ARG A 106 10.90 13.27 -1.24
C ARG A 106 10.07 14.52 -0.97
N GLY A 107 10.73 15.67 -0.82
CA GLY A 107 10.05 16.85 -0.34
C GLY A 107 9.55 17.84 -1.38
N VAL A 108 9.93 17.64 -2.64
CA VAL A 108 9.77 18.66 -3.68
C VAL A 108 8.34 18.89 -4.19
N PHE A 109 8.06 20.13 -4.58
CA PHE A 109 6.88 20.52 -5.37
C PHE A 109 5.54 20.47 -4.66
N PHE A 110 5.05 19.26 -4.39
CA PHE A 110 3.76 19.10 -3.73
C PHE A 110 3.81 19.60 -2.29
N LEU A 111 2.66 19.92 -1.74
CA LEU A 111 2.59 20.32 -0.33
C LEU A 111 2.72 19.08 0.56
N ASN A 112 2.24 17.94 0.07
CA ASN A 112 2.23 16.69 0.85
C ASN A 112 3.14 15.61 0.26
N ARG A 113 4.01 15.04 1.09
CA ARG A 113 4.93 14.00 0.63
C ARG A 113 4.28 12.80 -0.05
N ALA A 114 3.10 12.41 0.42
CA ALA A 114 2.38 11.31 -0.20
C ALA A 114 2.04 11.58 -1.66
N ALA A 115 1.96 12.86 -2.04
CA ALA A 115 1.62 13.22 -3.40
C ALA A 115 2.76 12.80 -4.33
N MET A 116 4.00 12.91 -3.86
CA MET A 116 5.14 12.55 -4.69
C MET A 116 5.22 11.04 -4.84
N LYS A 117 4.76 10.33 -3.81
CA LYS A 117 4.69 8.88 -3.89
C LYS A 117 3.71 8.43 -4.97
N MET A 118 2.51 9.03 -4.99
CA MET A 118 1.55 8.73 -6.06
C MET A 118 2.11 9.15 -7.42
N ALA A 119 2.79 10.29 -7.49
CA ALA A 119 3.44 10.69 -8.74
C ALA A 119 4.39 9.58 -9.20
N ASN A 120 5.19 9.08 -8.27
CA ASN A 120 6.18 8.04 -8.55
C ASN A 120 5.46 6.81 -9.13
N MET A 121 4.40 6.42 -8.45
CA MET A 121 3.79 5.15 -8.76
C MET A 121 2.84 5.22 -9.96
N ASP A 122 2.24 6.39 -10.17
CA ASP A 122 1.47 6.64 -11.39
C ASP A 122 2.36 6.48 -12.60
N PHE A 123 3.54 7.07 -12.57
CA PHE A 123 4.50 6.84 -13.64
C PHE A 123 4.89 5.37 -13.77
N VAL A 124 5.21 4.72 -12.66
CA VAL A 124 5.76 3.38 -12.74
C VAL A 124 4.73 2.43 -13.36
N PHE A 125 3.45 2.66 -13.04
CA PHE A 125 2.40 1.76 -13.51
C PHE A 125 1.63 2.29 -14.74
N ASP A 126 2.37 2.96 -15.64
CA ASP A 126 1.89 3.37 -16.96
C ASP A 126 0.68 4.29 -16.93
N ARG A 127 0.64 5.20 -15.96
CA ARG A 127 -0.49 6.10 -15.75
C ARG A 127 -1.80 5.39 -15.61
N MET A 128 -1.80 4.14 -15.15
CA MET A 128 -3.06 3.42 -15.06
C MET A 128 -4.05 4.06 -14.10
N PHE A 129 -3.57 4.89 -13.18
CA PHE A 129 -4.46 5.58 -12.25
C PHE A 129 -5.02 6.85 -12.86
N THR A 130 -4.17 7.76 -13.32
CA THR A 130 -4.70 9.00 -13.86
C THR A 130 -5.19 8.87 -15.30
N ASN A 131 -4.76 7.83 -16.00
CA ASN A 131 -5.21 7.58 -17.37
C ASN A 131 -5.64 6.13 -17.58
N PRO A 132 -6.67 5.69 -16.87
CA PRO A 132 -7.09 4.28 -16.98
C PRO A 132 -7.60 3.96 -18.38
N ARG A 133 -7.43 2.70 -18.79
CA ARG A 133 -7.83 2.27 -20.12
C ARG A 133 -8.90 1.18 -20.09
N ASP A 134 -9.69 1.12 -21.16
CA ASP A 134 -10.62 -0.01 -21.35
C ASP A 134 -9.86 -1.22 -21.84
N SER A 135 -10.59 -2.29 -22.17
CA SER A 135 -9.95 -3.53 -22.61
C SER A 135 -9.24 -3.46 -23.94
N TYR A 136 -9.55 -2.46 -24.75
CA TYR A 136 -8.90 -2.33 -26.04
C TYR A 136 -7.66 -1.47 -25.91
N GLY A 137 -7.43 -0.98 -24.69
CA GLY A 137 -6.25 -0.18 -24.42
C GLY A 137 -6.46 1.28 -24.68
N LYS A 138 -7.72 1.68 -24.85
CA LYS A 138 -8.00 3.09 -25.11
C LYS A 138 -8.39 3.79 -23.81
N PRO A 139 -7.95 5.05 -23.65
CA PRO A 139 -8.28 5.92 -22.53
C PRO A 139 -9.77 5.98 -22.23
N LEU A 140 -10.14 5.77 -20.97
CA LEU A 140 -11.53 5.85 -20.54
C LEU A 140 -11.96 7.29 -20.38
N VAL A 141 -11.01 8.17 -20.11
CA VAL A 141 -11.32 9.54 -19.77
C VAL A 141 -10.48 10.54 -20.57
N LYS A 142 -11.07 11.08 -21.63
CA LYS A 142 -10.47 12.21 -22.35
C LYS A 142 -11.03 13.50 -21.78
N ASP A 143 -10.27 14.57 -21.92
CA ASP A 143 -10.67 15.87 -21.39
C ASP A 143 -11.92 16.37 -22.12
N ARG A 144 -11.91 16.19 -23.43
CA ARG A 144 -12.99 16.67 -24.30
C ARG A 144 -14.32 16.16 -23.78
N GLU A 145 -14.43 14.85 -23.66
CA GLU A 145 -15.69 14.18 -23.35
C GLU A 145 -16.38 14.69 -22.08
N ALA A 146 -15.70 15.55 -21.33
CA ALA A 146 -16.24 16.11 -20.09
C ALA A 146 -16.70 15.00 -19.11
N GLU A 147 -16.20 13.80 -19.33
CA GLU A 147 -16.45 12.69 -18.43
C GLU A 147 -15.35 12.67 -17.38
N LEU A 148 -15.71 12.28 -16.15
CA LEU A 148 -14.82 12.44 -15.02
C LEU A 148 -14.03 11.19 -14.69
N LEU A 149 -12.79 11.40 -14.27
CA LEU A 149 -12.04 10.36 -13.58
C LEU A 149 -12.52 10.35 -12.13
N TYR A 150 -13.05 9.23 -11.67
CA TYR A 150 -13.56 9.14 -10.30
C TYR A 150 -12.58 8.35 -9.44
N PHE A 151 -12.29 8.85 -8.26
CA PHE A 151 -11.32 8.18 -7.41
C PHE A 151 -11.69 8.32 -5.94
N ALA A 152 -11.13 7.43 -5.13
CA ALA A 152 -11.36 7.50 -3.70
C ALA A 152 -10.02 7.48 -2.99
N ASP A 153 -9.97 8.13 -1.84
CA ASP A 153 -8.76 8.28 -1.05
C ASP A 153 -9.21 7.98 0.37
N VAL A 154 -8.70 6.90 0.95
CA VAL A 154 -9.05 6.50 2.31
C VAL A 154 -7.79 6.42 3.19
N CYS A 155 -7.67 7.32 4.16
CA CYS A 155 -6.46 7.38 4.98
C CYS A 155 -6.61 8.30 6.20
N ALA A 156 -5.56 8.38 7.01
CA ALA A 156 -5.62 9.20 8.21
C ALA A 156 -5.77 10.70 7.91
N GLY A 157 -5.10 11.18 6.86
CA GLY A 157 -5.33 12.54 6.37
C GLY A 157 -5.59 12.65 4.87
N PRO A 158 -6.86 12.39 4.43
CA PRO A 158 -7.24 12.35 3.00
C PRO A 158 -7.05 13.68 2.29
N GLY A 159 -6.23 13.65 1.25
CA GLY A 159 -5.82 14.84 0.51
C GLY A 159 -4.43 14.68 -0.08
N GLY A 160 -3.53 13.97 0.60
CA GLY A 160 -2.17 13.82 0.13
C GLY A 160 -2.05 13.06 -1.19
N PHE A 161 -2.67 11.90 -1.25
CA PHE A 161 -2.73 11.12 -2.48
C PHE A 161 -3.55 11.94 -3.47
N SER A 162 -4.63 12.51 -2.96
CA SER A 162 -5.56 13.28 -3.76
C SER A 162 -4.92 14.50 -4.38
N GLU A 163 -4.02 15.16 -3.64
CA GLU A 163 -3.30 16.31 -4.16
C GLU A 163 -2.65 15.99 -5.50
N TYR A 164 -2.04 14.80 -5.62
CA TYR A 164 -1.41 14.46 -6.90
C TYR A 164 -2.42 14.30 -8.02
N VAL A 165 -3.48 13.55 -7.74
CA VAL A 165 -4.47 13.23 -8.77
C VAL A 165 -5.11 14.51 -9.33
N LEU A 166 -5.54 15.41 -8.45
CA LEU A 166 -6.17 16.66 -8.83
C LEU A 166 -5.19 17.63 -9.52
N TRP A 167 -3.93 17.60 -9.11
CA TRP A 167 -2.91 18.39 -9.81
C TRP A 167 -2.78 17.93 -11.26
N ARG A 168 -2.87 16.63 -11.46
CA ARG A 168 -2.63 16.04 -12.76
C ARG A 168 -3.85 16.16 -13.69
N LYS A 169 -5.05 16.02 -13.13
CA LYS A 169 -6.28 15.90 -13.90
C LYS A 169 -7.19 17.10 -13.71
N LYS A 170 -6.85 17.93 -12.74
CA LYS A 170 -7.61 19.14 -12.44
C LYS A 170 -9.11 18.88 -12.42
N TRP A 171 -9.89 19.63 -13.20
CA TRP A 171 -11.33 19.57 -13.06
C TRP A 171 -11.91 18.36 -13.79
N HIS A 172 -11.04 17.58 -14.43
CA HIS A 172 -11.52 16.36 -15.08
C HIS A 172 -11.59 15.18 -14.13
N ALA A 173 -11.45 15.45 -12.85
CA ALA A 173 -11.50 14.36 -11.87
C ALA A 173 -12.41 14.69 -10.70
N LYS A 174 -12.91 13.65 -10.05
CA LYS A 174 -13.74 13.84 -8.88
C LYS A 174 -13.40 12.77 -7.84
N GLY A 175 -13.00 13.22 -6.64
CA GLY A 175 -12.55 12.33 -5.59
C GLY A 175 -13.47 12.28 -4.40
N PHE A 176 -13.53 11.11 -3.78
CA PHE A 176 -14.27 10.91 -2.55
C PHE A 176 -13.30 10.50 -1.44
N GLY A 177 -13.41 11.18 -0.30
CA GLY A 177 -12.49 10.98 0.80
C GLY A 177 -13.16 10.39 2.02
N MET A 178 -12.52 9.41 2.62
CA MET A 178 -12.91 8.99 3.96
C MET A 178 -11.71 9.00 4.87
N THR A 179 -11.84 9.68 6.01
CA THR A 179 -10.75 9.81 6.96
C THR A 179 -10.76 8.67 7.97
N LEU A 180 -9.56 8.25 8.36
CA LEU A 180 -9.37 7.19 9.34
C LEU A 180 -9.33 7.77 10.75
N LYS A 181 -8.93 9.04 10.85
CA LYS A 181 -8.80 9.69 12.14
C LYS A 181 -10.10 10.43 12.48
N GLY A 182 -10.01 11.73 12.70
CA GLY A 182 -11.18 12.52 13.05
C GLY A 182 -11.83 13.20 11.85
N PRO A 183 -13.08 13.66 12.03
CA PRO A 183 -13.93 14.31 11.00
C PRO A 183 -13.24 15.42 10.20
N ASN A 184 -12.34 16.17 10.80
CA ASN A 184 -11.72 17.30 10.12
C ASN A 184 -10.23 17.09 9.82
N ASP A 185 -9.82 15.82 9.74
CA ASP A 185 -8.42 15.53 9.52
C ASP A 185 -8.03 15.47 8.05
N PHE A 186 -8.85 16.06 7.19
CA PHE A 186 -8.56 16.09 5.75
C PHE A 186 -7.48 17.12 5.40
N LYS A 187 -6.95 17.02 4.20
CA LYS A 187 -5.91 17.94 3.73
C LYS A 187 -6.45 18.76 2.57
N LEU A 188 -7.37 19.67 2.85
CA LEU A 188 -8.04 20.42 1.80
C LEU A 188 -7.34 21.75 1.51
N GLU A 189 -6.02 21.73 1.46
CA GLU A 189 -5.25 22.98 1.39
C GLU A 189 -4.80 23.36 -0.01
N ASP A 190 -4.58 22.39 -0.90
CA ASP A 190 -4.16 22.72 -2.26
C ASP A 190 -5.33 23.34 -3.05
N PHE A 191 -5.02 24.12 -4.09
CA PHE A 191 -6.02 24.92 -4.82
C PHE A 191 -7.17 24.08 -5.37
N TYR A 192 -6.93 22.78 -5.55
CA TYR A 192 -7.94 21.87 -6.07
C TYR A 192 -8.71 21.06 -5.00
N SER A 193 -8.01 20.45 -4.03
CA SER A 193 -8.65 19.73 -2.92
C SER A 193 -9.64 20.60 -2.14
N ALA A 194 -9.41 21.91 -2.16
CA ALA A 194 -10.27 22.87 -1.49
C ALA A 194 -11.69 22.96 -2.10
N SER A 195 -11.79 22.80 -3.42
CA SER A 195 -13.09 22.84 -4.07
C SER A 195 -13.86 21.54 -3.82
N SER A 196 -15.02 21.65 -3.17
CA SER A 196 -15.85 20.49 -2.86
C SER A 196 -16.43 19.85 -4.12
N GLU A 197 -16.23 20.50 -5.25
CA GLU A 197 -16.69 19.97 -6.52
C GLU A 197 -15.68 18.94 -7.05
N LEU A 198 -14.41 19.13 -6.71
CA LEU A 198 -13.36 18.23 -7.17
C LEU A 198 -13.07 17.12 -6.15
N PHE A 199 -13.31 17.43 -4.88
CA PHE A 199 -13.04 16.48 -3.82
C PHE A 199 -14.08 16.60 -2.70
N GLU A 200 -14.76 15.49 -2.45
CA GLU A 200 -15.83 15.49 -1.48
C GLU A 200 -15.53 14.57 -0.29
N PRO A 201 -15.19 15.17 0.86
CA PRO A 201 -14.99 14.34 2.05
C PRO A 201 -16.33 13.79 2.50
N TYR A 202 -16.36 12.56 2.99
CA TYR A 202 -17.58 12.00 3.52
C TYR A 202 -17.64 12.13 5.05
N TYR A 203 -18.61 12.90 5.54
CA TYR A 203 -18.81 13.10 6.98
C TYR A 203 -19.91 12.21 7.54
N GLY A 212 -15.75 8.25 12.58
CA GLY A 212 -14.72 8.05 11.58
C GLY A 212 -14.00 6.71 11.68
N ASP A 213 -14.75 5.67 12.05
CA ASP A 213 -14.19 4.35 12.30
C ASP A 213 -14.51 3.43 11.12
N ILE A 214 -13.48 3.10 10.35
CA ILE A 214 -13.65 2.26 9.17
C ILE A 214 -13.98 0.80 9.54
N THR A 215 -13.78 0.43 10.80
CA THR A 215 -14.10 -0.95 11.19
C THR A 215 -15.61 -1.18 11.44
N ARG A 216 -16.40 -0.12 11.59
CA ARG A 216 -17.85 -0.29 11.78
C ARG A 216 -18.50 -0.65 10.46
N PRO A 217 -19.26 -1.75 10.43
CA PRO A 217 -19.87 -2.22 9.19
C PRO A 217 -20.75 -1.15 8.57
N GLU A 218 -21.48 -0.42 9.40
CA GLU A 218 -22.38 0.62 8.90
C GLU A 218 -21.65 1.78 8.24
N ASN A 219 -20.44 2.07 8.71
CA ASN A 219 -19.62 3.10 8.06
C ASN A 219 -19.10 2.64 6.71
N ILE A 220 -18.69 1.38 6.64
CA ILE A 220 -18.26 0.81 5.36
C ILE A 220 -19.40 0.88 4.33
N SER A 221 -20.59 0.46 4.74
CA SER A 221 -21.76 0.43 3.86
C SER A 221 -22.17 1.83 3.46
N ALA A 222 -22.18 2.73 4.43
CA ALA A 222 -22.48 4.13 4.18
C ALA A 222 -21.57 4.72 3.11
N PHE A 223 -20.26 4.59 3.29
CA PHE A 223 -19.31 5.13 2.31
C PHE A 223 -19.50 4.46 0.97
N ARG A 224 -19.79 3.17 1.00
CA ARG A 224 -19.99 2.44 -0.24
CA ARG A 224 -19.99 2.43 -0.23
C ARG A 224 -21.15 3.03 -1.01
N ASN A 225 -22.25 3.30 -0.31
CA ASN A 225 -23.45 3.82 -0.94
C ASN A 225 -23.23 5.23 -1.46
N PHE A 226 -22.62 6.07 -0.63
CA PHE A 226 -22.22 7.40 -1.04
C PHE A 226 -21.45 7.37 -2.35
N VAL A 227 -20.49 6.45 -2.47
CA VAL A 227 -19.65 6.41 -3.67
C VAL A 227 -20.44 5.88 -4.85
N LEU A 228 -21.25 4.86 -4.63
CA LEU A 228 -22.06 4.29 -5.69
C LEU A 228 -23.08 5.31 -6.23
N ASP A 229 -23.67 6.10 -5.33
CA ASP A 229 -24.66 7.10 -5.72
C ASP A 229 -24.04 8.25 -6.47
N ASN A 230 -22.73 8.42 -6.37
CA ASN A 230 -22.08 9.54 -7.05
C ASN A 230 -21.25 9.12 -8.24
N THR A 231 -21.39 7.87 -8.67
CA THR A 231 -20.62 7.34 -9.79
C THR A 231 -21.50 6.46 -10.67
N ASP A 232 -22.81 6.73 -10.62
CA ASP A 232 -23.78 6.05 -11.46
C ASP A 232 -23.78 4.56 -11.15
N ARG A 233 -23.64 4.25 -9.86
CA ARG A 233 -23.65 2.87 -9.35
C ARG A 233 -22.52 2.00 -9.92
N LYS A 234 -21.53 2.64 -10.54
CA LYS A 234 -20.41 1.90 -11.11
C LYS A 234 -19.30 1.71 -10.09
N GLY A 235 -18.99 2.76 -9.35
CA GLY A 235 -17.85 2.78 -8.45
C GLY A 235 -16.75 3.66 -9.01
N VAL A 236 -15.65 3.80 -8.28
CA VAL A 236 -14.57 4.67 -8.71
C VAL A 236 -13.66 3.95 -9.69
N HIS A 237 -12.88 4.71 -10.44
CA HIS A 237 -11.89 4.15 -11.35
C HIS A 237 -10.74 3.51 -10.57
N PHE A 238 -10.38 4.14 -9.46
CA PHE A 238 -9.37 3.57 -8.58
C PHE A 238 -9.50 4.08 -7.16
N LEU A 239 -9.08 3.24 -6.22
CA LEU A 239 -9.02 3.62 -4.82
C LEU A 239 -7.57 3.68 -4.33
N MET A 240 -7.24 4.74 -3.60
CA MET A 240 -5.94 4.89 -2.97
C MET A 240 -6.17 4.80 -1.47
N ALA A 241 -5.47 3.86 -0.83
CA ALA A 241 -5.64 3.63 0.60
C ALA A 241 -4.33 3.50 1.38
N ASP A 242 -4.41 3.77 2.67
CA ASP A 242 -3.32 3.51 3.60
C ASP A 242 -3.79 2.43 4.57
N GLY A 243 -3.26 1.23 4.42
CA GLY A 243 -3.73 0.10 5.20
C GLY A 243 -2.87 -0.22 6.41
N GLY A 244 -2.03 0.72 6.84
CA GLY A 244 -1.20 0.51 8.01
C GLY A 244 -1.04 1.77 8.85
N PHE A 245 -0.81 1.61 10.14
CA PHE A 245 -0.50 2.77 10.98
C PHE A 245 0.78 2.52 11.77
N SER A 246 1.51 3.59 12.08
CA SER A 246 2.78 3.49 12.75
C SER A 246 2.63 3.46 14.26
N VAL A 247 3.49 2.70 14.91
CA VAL A 247 3.57 2.72 16.37
CA VAL A 247 3.56 2.69 16.36
C VAL A 247 5.02 2.89 16.78
N GLU A 248 5.26 3.73 17.78
CA GLU A 248 6.62 3.86 18.28
C GLU A 248 7.03 2.60 19.03
N GLY A 249 8.17 2.05 18.67
CA GLY A 249 8.80 1.05 19.50
C GLY A 249 8.40 -0.37 19.21
N GLN A 250 8.09 -0.65 17.96
CA GLN A 250 7.66 -1.99 17.59
C GLN A 250 7.41 -2.15 16.10
N GLU A 251 8.36 -1.72 15.25
CA GLU A 251 8.10 -1.71 13.81
C GLU A 251 7.57 -3.06 13.34
N ASN A 252 8.21 -4.09 13.89
N ASN A 252 8.17 -4.18 13.72
CA ASN A 252 7.97 -5.51 13.65
CA ASN A 252 7.63 -5.41 13.11
C ASN A 252 6.50 -5.92 13.79
C ASN A 252 6.25 -5.81 13.60
N LEU A 253 5.82 -5.28 14.74
CA LEU A 253 4.48 -5.57 15.18
C LEU A 253 3.41 -4.83 14.38
N GLN A 254 3.83 -3.87 13.56
CA GLN A 254 2.85 -3.06 12.84
C GLN A 254 1.98 -3.88 11.89
N GLU A 255 2.57 -4.88 11.25
CA GLU A 255 1.81 -5.76 10.37
C GLU A 255 0.65 -6.37 11.15
N ILE A 256 0.92 -6.84 12.36
CA ILE A 256 -0.11 -7.46 13.15
C ILE A 256 -1.09 -6.45 13.72
N LEU A 257 -0.58 -5.35 14.24
CA LEU A 257 -1.45 -4.31 14.79
C LEU A 257 -2.39 -3.73 13.73
N SER A 258 -1.93 -3.68 12.49
CA SER A 258 -2.70 -3.06 11.40
C SER A 258 -3.58 -4.06 10.64
N LYS A 259 -3.68 -5.31 11.10
CA LYS A 259 -4.32 -6.34 10.29
C LYS A 259 -5.79 -6.07 9.98
N GLN A 260 -6.52 -5.50 10.93
CA GLN A 260 -7.92 -5.24 10.67
C GLN A 260 -8.09 -4.04 9.74
N LEU A 261 -7.24 -3.02 9.89
CA LEU A 261 -7.26 -1.90 8.97
C LEU A 261 -6.97 -2.36 7.56
N LEU A 262 -6.00 -3.25 7.40
CA LEU A 262 -5.64 -3.76 6.08
C LEU A 262 -6.81 -4.53 5.46
N LEU A 263 -7.44 -5.38 6.25
CA LEU A 263 -8.62 -6.09 5.78
C LEU A 263 -9.71 -5.13 5.34
N CYS A 264 -9.96 -4.09 6.14
CA CYS A 264 -11.03 -3.16 5.81
C CYS A 264 -10.77 -2.40 4.51
N GLN A 265 -9.50 -2.13 4.22
CA GLN A 265 -9.15 -1.44 2.98
C GLN A 265 -9.31 -2.35 1.77
N PHE A 266 -8.90 -3.61 1.93
CA PHE A 266 -9.13 -4.58 0.89
C PHE A 266 -10.65 -4.72 0.68
N LEU A 267 -11.39 -4.74 1.78
CA LEU A 267 -12.83 -4.88 1.69
C LEU A 267 -13.40 -3.64 0.98
N MET A 268 -12.88 -2.47 1.30
CA MET A 268 -13.33 -1.25 0.63
C MET A 268 -13.05 -1.29 -0.87
N ALA A 269 -11.87 -1.78 -1.26
CA ALA A 269 -11.55 -1.89 -2.68
C ALA A 269 -12.64 -2.70 -3.38
N LEU A 270 -13.00 -3.84 -2.81
CA LEU A 270 -13.95 -4.70 -3.46
C LEU A 270 -15.37 -4.14 -3.41
N SER A 271 -15.60 -3.14 -2.54
CA SER A 271 -16.92 -2.54 -2.39
C SER A 271 -17.15 -1.33 -3.30
N ILE A 272 -16.10 -0.59 -3.65
CA ILE A 272 -16.29 0.70 -4.34
C ILE A 272 -15.54 0.86 -5.66
N VAL A 273 -14.67 -0.07 -6.00
CA VAL A 273 -13.92 0.05 -7.25
C VAL A 273 -14.73 -0.59 -8.37
N ARG A 274 -14.79 0.06 -9.52
CA ARG A 274 -15.60 -0.43 -10.63
C ARG A 274 -14.88 -1.54 -11.37
N THR A 275 -15.63 -2.30 -12.16
CA THR A 275 -15.06 -3.41 -12.93
C THR A 275 -13.95 -2.87 -13.80
N GLY A 276 -12.80 -3.53 -13.80
CA GLY A 276 -11.68 -3.04 -14.56
C GLY A 276 -10.91 -1.94 -13.84
N GLY A 277 -11.39 -1.54 -12.67
CA GLY A 277 -10.72 -0.49 -11.93
C GLY A 277 -9.50 -0.96 -11.16
N HIS A 278 -8.84 -0.03 -10.47
CA HIS A 278 -7.56 -0.29 -9.80
C HIS A 278 -7.54 0.04 -8.31
N PHE A 279 -6.51 -0.45 -7.63
CA PHE A 279 -6.40 -0.34 -6.17
C PHE A 279 -4.93 -0.25 -5.79
N ILE A 280 -4.59 0.72 -4.95
CA ILE A 280 -3.23 0.84 -4.45
C ILE A 280 -3.30 1.04 -2.95
N CYS A 281 -2.60 0.19 -2.21
CA CYS A 281 -2.73 0.21 -0.75
C CYS A 281 -1.37 0.15 -0.06
N LYS A 282 -1.11 1.12 0.80
CA LYS A 282 0.07 1.07 1.64
C LYS A 282 -0.06 -0.02 2.72
N THR A 283 1.00 -0.81 2.90
CA THR A 283 1.01 -1.76 3.99
C THR A 283 2.44 -1.88 4.56
N PHE A 284 2.62 -2.72 5.57
CA PHE A 284 3.96 -3.00 6.06
C PHE A 284 4.40 -4.40 5.66
N ASP A 285 4.94 -5.15 6.61
CA ASP A 285 5.45 -6.49 6.31
C ASP A 285 4.30 -7.43 6.02
N LEU A 286 4.57 -8.45 5.23
CA LEU A 286 3.55 -9.42 4.87
C LEU A 286 4.07 -10.83 5.16
N PHE A 287 4.41 -11.08 6.42
CA PHE A 287 5.00 -12.34 6.86
C PHE A 287 3.92 -13.28 7.33
N THR A 288 2.81 -12.73 7.82
CA THR A 288 1.77 -13.54 8.43
C THR A 288 0.84 -14.17 7.41
N PRO A 289 0.34 -15.36 7.73
CA PRO A 289 -0.63 -15.97 6.82
C PRO A 289 -1.93 -15.17 6.68
N PHE A 290 -2.33 -14.41 7.70
CA PHE A 290 -3.49 -13.54 7.55
C PHE A 290 -3.23 -12.50 6.45
N SER A 291 -2.10 -11.81 6.53
CA SER A 291 -1.72 -10.84 5.50
C SER A 291 -1.63 -11.47 4.12
N VAL A 292 -0.93 -12.59 4.03
CA VAL A 292 -0.73 -13.25 2.75
C VAL A 292 -2.06 -13.79 2.19
N GLY A 293 -2.95 -14.24 3.08
CA GLY A 293 -4.27 -14.68 2.66
C GLY A 293 -5.06 -13.56 2.02
N LEU A 294 -5.00 -12.37 2.64
CA LEU A 294 -5.61 -11.15 2.11
C LEU A 294 -5.07 -10.83 0.73
N VAL A 295 -3.75 -10.91 0.56
CA VAL A 295 -3.17 -10.66 -0.76
C VAL A 295 -3.60 -11.72 -1.78
N TYR A 296 -3.66 -12.97 -1.33
CA TYR A 296 -4.10 -14.06 -2.19
C TYR A 296 -5.51 -13.76 -2.73
N LEU A 297 -6.39 -13.27 -1.85
CA LEU A 297 -7.75 -12.93 -2.25
C LEU A 297 -7.76 -11.82 -3.31
N LEU A 298 -6.94 -10.78 -3.14
CA LEU A 298 -6.89 -9.72 -4.14
C LEU A 298 -6.36 -10.25 -5.45
N TYR A 299 -5.39 -11.17 -5.35
CA TYR A 299 -4.79 -11.81 -6.50
C TYR A 299 -5.81 -12.64 -7.28
N CYS A 300 -6.81 -13.16 -6.58
CA CYS A 300 -7.93 -13.84 -7.21
C CYS A 300 -8.93 -12.86 -7.87
N CYS A 301 -9.00 -11.64 -7.37
CA CYS A 301 -10.05 -10.71 -7.79
C CYS A 301 -9.63 -9.67 -8.83
N PHE A 302 -8.33 -9.58 -9.10
CA PHE A 302 -7.80 -8.58 -10.02
C PHE A 302 -7.05 -9.28 -11.12
N GLU A 303 -6.98 -8.66 -12.29
CA GLU A 303 -6.22 -9.18 -13.42
C GLU A 303 -4.74 -9.36 -13.09
N ARG A 304 -4.16 -8.36 -12.44
CA ARG A 304 -2.73 -8.36 -12.12
CA ARG A 304 -2.75 -8.42 -12.08
C ARG A 304 -2.51 -7.75 -10.75
N VAL A 305 -1.66 -8.36 -9.93
CA VAL A 305 -1.30 -7.80 -8.63
C VAL A 305 0.22 -7.76 -8.49
N CYS A 306 0.73 -6.74 -7.80
CA CYS A 306 2.15 -6.72 -7.51
CA CYS A 306 2.16 -6.56 -7.60
C CYS A 306 2.43 -6.04 -6.18
N LEU A 307 3.56 -6.41 -5.59
CA LEU A 307 3.99 -5.81 -4.34
C LEU A 307 5.18 -4.96 -4.74
N PHE A 308 5.18 -3.70 -4.34
CA PHE A 308 6.14 -2.76 -4.87
C PHE A 308 6.53 -1.75 -3.80
N LYS A 309 7.82 -1.45 -3.73
CA LYS A 309 8.31 -0.42 -2.83
C LYS A 309 8.95 0.68 -3.67
N PRO A 310 8.30 1.85 -3.75
CA PRO A 310 8.83 2.90 -4.63
C PRO A 310 10.07 3.57 -4.02
N ILE A 311 10.91 4.18 -4.83
CA ILE A 311 12.09 4.86 -4.30
C ILE A 311 11.75 6.09 -3.46
N THR A 312 10.48 6.49 -3.46
CA THR A 312 10.07 7.62 -2.66
C THR A 312 9.69 7.22 -1.25
N SER A 313 9.65 5.92 -0.97
CA SER A 313 9.50 5.50 0.41
C SER A 313 10.89 5.14 0.92
N ARG A 314 11.13 5.38 2.20
CA ARG A 314 12.46 5.23 2.78
CA ARG A 314 12.46 5.23 2.76
C ARG A 314 12.96 3.80 2.67
N PRO A 315 14.21 3.65 2.20
CA PRO A 315 14.73 2.30 1.96
C PRO A 315 14.89 1.46 3.21
N ALA A 316 14.93 2.07 4.39
CA ALA A 316 15.20 1.27 5.58
C ALA A 316 13.94 0.81 6.29
N ASN A 317 12.77 1.32 5.88
CA ASN A 317 11.55 0.89 6.56
C ASN A 317 10.81 -0.24 5.83
N SER A 318 9.69 -0.66 6.40
CA SER A 318 8.94 -1.79 5.91
C SER A 318 7.79 -1.43 4.99
N GLU A 319 7.60 -0.14 4.73
CA GLU A 319 6.52 0.33 3.87
C GLU A 319 6.60 -0.25 2.46
N ARG A 320 5.47 -0.74 1.97
CA ARG A 320 5.36 -1.10 0.57
C ARG A 320 3.92 -0.91 0.09
N TYR A 321 3.67 -1.20 -1.18
CA TYR A 321 2.34 -0.97 -1.73
C TYR A 321 1.83 -2.21 -2.42
N VAL A 322 0.60 -2.57 -2.10
CA VAL A 322 -0.09 -3.59 -2.87
C VAL A 322 -0.72 -2.85 -4.04
N VAL A 323 -0.33 -3.22 -5.26
CA VAL A 323 -0.86 -2.56 -6.44
C VAL A 323 -1.71 -3.53 -7.28
N CYS A 324 -3.00 -3.23 -7.43
CA CYS A 324 -3.93 -4.13 -8.11
C CYS A 324 -4.52 -3.52 -9.39
N LYS A 325 -4.32 -4.21 -10.50
CA LYS A 325 -4.75 -3.74 -11.81
C LYS A 325 -5.93 -4.56 -12.32
N GLY A 326 -7.05 -3.88 -12.54
CA GLY A 326 -8.19 -4.44 -13.27
C GLY A 326 -9.10 -5.35 -12.48
N LEU A 327 -9.96 -4.76 -11.66
CA LEU A 327 -10.90 -5.57 -10.89
C LEU A 327 -11.75 -6.41 -11.84
N LYS A 328 -11.84 -7.71 -11.56
CA LYS A 328 -12.61 -8.64 -12.37
C LYS A 328 -14.10 -8.59 -12.01
N VAL A 329 -14.92 -9.24 -12.84
CA VAL A 329 -16.35 -9.37 -12.59
C VAL A 329 -16.54 -10.55 -11.64
N GLY A 330 -17.54 -10.46 -10.78
CA GLY A 330 -17.94 -11.61 -9.99
C GLY A 330 -17.18 -11.78 -8.68
N ILE A 331 -16.95 -10.68 -8.00
CA ILE A 331 -16.15 -10.67 -6.79
C ILE A 331 -17.01 -10.50 -5.53
N ASP A 332 -18.33 -10.55 -5.69
CA ASP A 332 -19.22 -10.24 -4.58
C ASP A 332 -19.10 -11.21 -3.42
N ASP A 333 -18.86 -12.48 -3.70
CA ASP A 333 -18.70 -13.45 -2.63
C ASP A 333 -17.48 -13.11 -1.74
N VAL A 334 -16.38 -12.73 -2.38
CA VAL A 334 -15.16 -12.37 -1.66
C VAL A 334 -15.40 -11.13 -0.85
N ARG A 335 -16.01 -10.14 -1.48
CA ARG A 335 -16.41 -8.94 -0.77
C ARG A 335 -17.25 -9.25 0.46
N ASP A 336 -18.24 -10.13 0.29
CA ASP A 336 -19.12 -10.48 1.39
C ASP A 336 -18.38 -11.25 2.46
N TYR A 337 -17.47 -12.11 2.03
CA TYR A 337 -16.62 -12.86 2.93
C TYR A 337 -15.77 -11.95 3.84
N LEU A 338 -15.07 -10.99 3.25
CA LEU A 338 -14.28 -10.06 4.04
C LEU A 338 -15.16 -9.23 4.98
N PHE A 339 -16.39 -8.95 4.55
CA PHE A 339 -17.31 -8.16 5.34
C PHE A 339 -17.66 -8.95 6.60
N ALA A 340 -17.81 -10.26 6.43
CA ALA A 340 -18.12 -11.15 7.56
C ALA A 340 -16.90 -11.27 8.49
N VAL A 341 -15.71 -11.37 7.90
CA VAL A 341 -14.50 -11.45 8.70
C VAL A 341 -14.33 -10.19 9.56
N ASN A 342 -14.62 -9.03 8.98
CA ASN A 342 -14.49 -7.80 9.74
C ASN A 342 -15.40 -7.80 10.96
N ILE A 343 -16.64 -8.23 10.76
CA ILE A 343 -17.59 -8.33 11.87
C ILE A 343 -17.05 -9.28 12.97
N LYS A 344 -16.45 -10.39 12.55
CA LYS A 344 -15.89 -11.34 13.50
C LYS A 344 -14.72 -10.69 14.25
N LEU A 345 -13.87 -9.95 13.53
CA LEU A 345 -12.78 -9.20 14.17
C LEU A 345 -13.30 -8.23 15.22
N ASN A 346 -14.37 -7.49 14.91
CA ASN A 346 -14.99 -6.58 15.91
C ASN A 346 -15.46 -7.34 17.13
N GLN A 347 -15.93 -8.56 16.91
CA GLN A 347 -16.40 -9.37 18.01
C GLN A 347 -15.24 -9.86 18.89
N LEU A 348 -14.12 -10.19 18.26
CA LEU A 348 -12.97 -10.71 18.99
C LEU A 348 -12.08 -9.62 19.59
N ARG A 349 -12.35 -8.38 19.26
CA ARG A 349 -11.53 -7.27 19.73
C ARG A 349 -11.52 -7.16 21.26
N ASN A 350 -10.35 -6.95 21.84
CA ASN A 350 -10.17 -6.87 23.29
C ASN A 350 -10.38 -8.19 24.04
N THR A 351 -10.19 -9.31 23.33
CA THR A 351 -10.16 -10.62 23.94
C THR A 351 -8.92 -11.36 23.46
N ASP A 352 -8.63 -12.50 24.08
CA ASP A 352 -7.44 -13.29 23.75
C ASP A 352 -7.60 -14.14 22.49
N SER A 353 -8.70 -13.92 21.77
CA SER A 353 -8.96 -14.61 20.52
C SER A 353 -8.83 -13.65 19.36
N ASP A 354 -8.51 -14.18 18.18
CA ASP A 354 -8.29 -13.37 16.99
C ASP A 354 -8.57 -14.25 15.77
N VAL A 355 -8.84 -13.63 14.63
CA VAL A 355 -8.87 -14.33 13.35
C VAL A 355 -7.45 -14.48 12.83
N ASN A 356 -6.95 -15.70 12.77
CA ASN A 356 -5.56 -15.90 12.41
C ASN A 356 -5.32 -16.27 10.95
N LEU A 357 -6.35 -16.76 10.26
CA LEU A 357 -6.27 -17.09 8.83
CA LEU A 357 -6.25 -16.99 8.83
C LEU A 357 -7.54 -16.62 8.12
N VAL A 358 -7.41 -16.17 6.86
CA VAL A 358 -8.60 -15.89 6.06
C VAL A 358 -8.63 -16.76 4.83
N VAL A 359 -7.50 -17.38 4.52
CA VAL A 359 -7.38 -18.41 3.51
C VAL A 359 -6.48 -19.50 4.11
N PRO A 360 -6.81 -20.78 3.89
CA PRO A 360 -5.95 -21.86 4.44
C PRO A 360 -4.55 -21.85 3.84
N LEU A 361 -3.55 -22.22 4.64
CA LEU A 361 -2.20 -22.35 4.13
C LEU A 361 -2.09 -23.34 2.95
N GLU A 362 -2.86 -24.43 3.04
CA GLU A 362 -2.84 -25.48 2.04
C GLU A 362 -3.26 -24.90 0.69
N VAL A 363 -4.24 -24.01 0.71
CA VAL A 363 -4.68 -23.34 -0.51
C VAL A 363 -3.61 -22.38 -1.04
N ILE A 364 -3.14 -21.45 -0.20
CA ILE A 364 -2.07 -20.53 -0.61
C ILE A 364 -0.83 -21.28 -1.10
N LYS A 365 -0.34 -22.22 -0.30
CA LYS A 365 0.86 -22.93 -0.72
C LYS A 365 0.59 -23.86 -1.92
N GLY A 366 -0.67 -24.24 -2.12
CA GLY A 366 -1.07 -24.99 -3.29
C GLY A 366 -0.80 -24.24 -4.58
N ASP A 367 -0.95 -22.92 -4.53
CA ASP A 367 -0.58 -22.11 -5.69
C ASP A 367 0.92 -21.82 -5.61
N HIS A 368 1.70 -22.62 -6.33
CA HIS A 368 3.16 -22.59 -6.23
C HIS A 368 3.74 -21.28 -6.73
N GLU A 369 3.18 -20.75 -7.80
CA GLU A 369 3.72 -19.55 -8.41
C GLU A 369 3.44 -18.31 -7.55
N PHE A 370 2.25 -18.26 -6.95
CA PHE A 370 1.90 -17.21 -6.02
C PHE A 370 2.84 -17.26 -4.80
N THR A 371 3.01 -18.45 -4.25
CA THR A 371 3.84 -18.65 -3.06
C THR A 371 5.29 -18.29 -3.34
N ASP A 372 5.82 -18.73 -4.47
CA ASP A 372 7.20 -18.41 -4.87
C ASP A 372 7.41 -16.92 -4.94
N TYR A 373 6.43 -16.20 -5.46
CA TYR A 373 6.52 -14.77 -5.60
C TYR A 373 6.54 -14.13 -4.22
N MET A 374 5.64 -14.58 -3.36
CA MET A 374 5.47 -14.05 -2.02
C MET A 374 6.77 -14.18 -1.21
N ILE A 375 7.38 -15.36 -1.28
CA ILE A 375 8.62 -15.59 -0.57
C ILE A 375 9.74 -14.72 -1.16
N ARG A 376 9.74 -14.60 -2.47
CA ARG A 376 10.82 -13.89 -3.15
C ARG A 376 10.68 -12.40 -2.80
N SER A 377 9.43 -11.95 -2.68
CA SER A 377 9.15 -10.55 -2.35
C SER A 377 9.53 -10.22 -0.90
N ASN A 378 9.01 -11.00 0.04
CA ASN A 378 9.39 -10.89 1.44
C ASN A 378 10.91 -10.96 1.65
N GLU A 379 11.57 -11.90 0.99
CA GLU A 379 13.00 -12.08 1.26
C GLU A 379 13.84 -10.96 0.65
N SER A 380 13.46 -10.54 -0.55
CA SER A 380 14.12 -9.44 -1.21
C SER A 380 14.02 -8.20 -0.31
N HIS A 381 12.82 -7.93 0.19
CA HIS A 381 12.61 -6.77 1.04
C HIS A 381 13.52 -6.84 2.27
N CYS A 382 13.53 -8.00 2.95
CA CYS A 382 14.39 -8.16 4.13
C CYS A 382 15.86 -7.96 3.81
N SER A 383 16.32 -8.55 2.71
CA SER A 383 17.73 -8.45 2.32
C SER A 383 18.13 -7.02 2.06
N LEU A 384 17.27 -6.27 1.36
CA LEU A 384 17.56 -4.88 1.06
C LEU A 384 17.47 -4.00 2.30
N GLN A 385 16.57 -4.36 3.21
CA GLN A 385 16.35 -3.55 4.39
C GLN A 385 17.55 -3.64 5.33
N ILE A 386 18.04 -4.86 5.51
CA ILE A 386 19.28 -5.09 6.25
C ILE A 386 20.40 -4.20 5.73
N LYS A 387 20.57 -4.13 4.41
CA LYS A 387 21.66 -3.33 3.86
C LYS A 387 21.45 -1.85 4.10
N ALA A 388 20.19 -1.42 4.01
CA ALA A 388 19.88 -0.02 4.19
C ALA A 388 20.12 0.40 5.65
N LEU A 389 19.78 -0.47 6.59
CA LEU A 389 20.02 -0.17 8.00
C LEU A 389 21.52 -0.12 8.30
N ALA A 390 22.28 -1.05 7.71
CA ALA A 390 23.73 -1.10 7.92
C ALA A 390 24.35 0.18 7.41
N LYS A 391 23.91 0.63 6.24
CA LYS A 391 24.44 1.85 5.64
C LYS A 391 24.22 3.06 6.55
N ILE A 392 23.03 3.16 7.14
CA ILE A 392 22.70 4.26 8.03
C ILE A 392 23.62 4.24 9.24
N HIS A 393 23.89 3.03 9.74
CA HIS A 393 24.69 2.92 10.92
C HIS A 393 26.10 3.41 10.61
N ALA A 394 26.55 3.11 9.41
CA ALA A 394 27.87 3.51 8.98
C ALA A 394 27.92 5.01 8.78
N PHE A 395 26.81 5.61 8.37
CA PHE A 395 26.76 7.05 8.18
C PHE A 395 26.69 7.78 9.53
N VAL A 396 26.20 7.08 10.55
CA VAL A 396 26.18 7.60 11.91
C VAL A 396 27.62 7.65 12.46
N GLN A 397 28.39 6.59 12.23
CA GLN A 397 29.74 6.46 12.75
C GLN A 397 30.75 7.30 11.98
N ASP A 398 30.44 7.61 10.74
CA ASP A 398 31.29 8.43 9.90
C ASP A 398 30.47 9.49 9.17
N THR A 399 30.39 10.67 9.76
CA THR A 399 29.49 11.69 9.25
C THR A 399 30.03 12.36 7.97
N THR A 400 31.20 11.92 7.52
CA THR A 400 31.77 12.43 6.28
C THR A 400 31.34 11.59 5.07
N LEU A 401 30.89 10.37 5.31
CA LEU A 401 30.27 9.60 4.23
C LEU A 401 29.14 10.42 3.61
N SER A 402 28.99 10.32 2.29
CA SER A 402 27.95 11.05 1.63
C SER A 402 27.44 10.23 0.47
N GLU A 403 26.28 10.65 -0.03
CA GLU A 403 25.65 10.01 -1.17
C GLU A 403 25.62 11.11 -2.22
N PRO A 404 26.62 11.12 -3.10
CA PRO A 404 26.92 12.29 -3.93
C PRO A 404 25.86 12.60 -5.00
N ARG A 405 25.13 11.58 -5.44
CA ARG A 405 24.25 11.76 -6.58
C ARG A 405 22.80 12.10 -6.18
N GLN A 406 22.60 12.56 -4.96
CA GLN A 406 21.25 12.88 -4.50
C GLN A 406 20.59 13.94 -5.39
N ALA A 407 21.37 14.95 -5.75
CA ALA A 407 20.85 16.04 -6.57
C ALA A 407 20.53 15.59 -7.99
N GLU A 408 21.44 14.84 -8.60
CA GLU A 408 21.25 14.36 -9.97
C GLU A 408 20.02 13.44 -10.04
N ILE A 409 19.79 12.69 -8.97
CA ILE A 409 18.70 11.74 -8.93
C ILE A 409 17.35 12.44 -8.78
N ARG A 410 17.30 13.49 -7.97
CA ARG A 410 16.09 14.32 -7.87
C ARG A 410 15.70 14.80 -9.25
N LYS A 411 16.67 15.38 -9.95
CA LYS A 411 16.45 15.96 -11.26
C LYS A 411 15.95 14.92 -12.24
N GLU A 412 16.59 13.75 -12.27
CA GLU A 412 16.17 12.72 -13.20
C GLU A 412 14.77 12.20 -12.92
N CYS A 413 14.41 12.12 -11.64
CA CYS A 413 13.09 11.62 -11.24
C CYS A 413 11.97 12.58 -11.66
N LEU A 414 12.16 13.87 -11.39
CA LEU A 414 11.19 14.88 -11.80
C LEU A 414 10.95 14.84 -13.30
N ARG A 415 12.03 14.83 -14.07
CA ARG A 415 11.92 14.75 -15.52
C ARG A 415 11.17 13.49 -15.95
N LEU A 416 11.54 12.35 -15.38
CA LEU A 416 10.98 11.06 -15.75
C LEU A 416 9.47 11.00 -15.45
N TRP A 417 9.11 11.48 -14.26
CA TRP A 417 7.73 11.43 -13.77
C TRP A 417 6.90 12.64 -14.25
N GLY A 418 7.55 13.57 -14.92
CA GLY A 418 6.88 14.78 -15.39
C GLY A 418 6.39 15.71 -14.29
N ILE A 419 7.30 16.08 -13.40
CA ILE A 419 7.00 16.97 -12.29
C ILE A 419 7.88 18.19 -12.42
N PRO A 420 7.32 19.39 -12.30
CA PRO A 420 8.09 20.64 -12.37
C PRO A 420 9.23 20.69 -11.36
N ASP A 421 10.37 21.26 -11.75
CA ASP A 421 11.47 21.50 -10.81
C ASP A 421 11.29 22.80 -10.03
N GLN A 422 10.28 22.84 -9.17
CA GLN A 422 9.89 24.05 -8.44
C GLN A 422 9.29 23.70 -7.09
N ALA A 423 8.51 24.64 -6.54
CA ALA A 423 7.75 24.45 -5.31
C ALA A 423 6.25 24.64 -5.54
#